data_7AAN
#
_entry.id   7AAN
#
_cell.length_a   48.334
_cell.length_b   71.867
_cell.length_c   204.589
_cell.angle_alpha   90.000
_cell.angle_beta   90.000
_cell.angle_gamma   90.000
#
_symmetry.space_group_name_H-M   'P 21 21 21'
#
loop_
_entity.id
_entity.type
_entity.pdbx_description
1 polymer 'Proline-serine-threonine phosphatase-interacting protein 1'
2 water water
#
_entity_poly.entity_id   1
_entity_poly.type   'polypeptide(L)'
_entity_poly.pdbx_seq_one_letter_code
;GSHMMPQLQFKDAFWCRDFTAHTGYEVLLQRLLDGRKMCKDMEELLRQRAQAEERYGKELVQIARKAGGQTEINSLRASF
DSLKQQMENVGSSHIQLALTLREELRSLEEFRERQKEQRKKYEAVMDRVQKSKLSLYKKAMESKKTYEQKCRDADDAEQA
FERISANGHQKQVEKSQNKARQCKDSATEAERVYRQSIAQLEKVRAEWEQEHRTTCEAFQLQEFDRLTILRNALWVHSNQ
LSMQCVKDDELYEEVRLTLEGCSIDADIDSFIQAKSTGTEPPAPVPYQNYYD
;
_entity_poly.pdbx_strand_id   A,B
#
# COMPACT_ATOMS: atom_id res chain seq x y z
N LEU A 8 12.07 -38.59 23.85
CA LEU A 8 11.51 -37.48 23.09
C LEU A 8 11.65 -37.72 21.59
N GLN A 9 11.25 -38.90 21.13
CA GLN A 9 11.34 -39.29 19.74
C GLN A 9 10.01 -39.89 19.28
N PHE A 10 9.75 -39.79 17.98
CA PHE A 10 8.51 -40.32 17.43
C PHE A 10 8.45 -41.84 17.52
N LYS A 11 9.59 -42.51 17.30
CA LYS A 11 9.61 -43.97 17.35
C LYS A 11 9.23 -44.48 18.74
N ASP A 12 9.86 -43.93 19.78
CA ASP A 12 9.68 -44.41 21.14
C ASP A 12 8.38 -43.94 21.79
N ALA A 13 7.55 -43.16 21.08
CA ALA A 13 6.40 -42.57 21.74
C ALA A 13 5.11 -42.66 20.92
N PHE A 14 5.05 -43.52 19.90
CA PHE A 14 3.85 -43.65 19.07
C PHE A 14 3.62 -45.12 18.74
N TRP A 15 3.60 -45.96 19.77
CA TRP A 15 3.26 -47.37 19.65
C TRP A 15 1.83 -47.58 20.16
N CYS A 16 1.39 -48.84 20.11
CA CYS A 16 0.08 -49.22 20.61
C CYS A 16 0.17 -50.60 21.25
N ARG A 17 -0.27 -50.70 22.50
CA ARG A 17 -0.30 -52.00 23.17
C ARG A 17 -1.24 -52.95 22.44
N ASP A 18 -2.34 -52.43 21.91
CA ASP A 18 -3.27 -53.23 21.11
C ASP A 18 -2.58 -53.70 19.84
N PHE A 19 -2.58 -55.03 19.63
CA PHE A 19 -1.86 -55.59 18.50
C PHE A 19 -2.43 -55.13 17.17
N THR A 20 -3.75 -54.97 17.10
CA THR A 20 -4.42 -54.61 15.86
C THR A 20 -4.56 -53.10 15.67
N ALA A 21 -4.07 -52.30 16.61
CA ALA A 21 -4.19 -50.85 16.53
C ALA A 21 -2.92 -50.25 15.97
N HIS A 22 -3.07 -49.33 15.02
CA HIS A 22 -1.98 -48.55 14.46
C HIS A 22 -2.24 -47.07 14.63
N THR A 23 -2.83 -46.70 15.78
CA THR A 23 -3.17 -45.31 16.04
C THR A 23 -1.93 -44.42 16.08
N GLY A 24 -0.80 -44.95 16.54
CA GLY A 24 0.41 -44.16 16.57
C GLY A 24 0.82 -43.66 15.20
N TYR A 25 0.76 -44.55 14.20
CA TYR A 25 1.06 -44.14 12.83
C TYR A 25 -0.01 -43.19 12.30
N GLU A 26 -1.28 -43.44 12.65
CA GLU A 26 -2.36 -42.59 12.15
C GLU A 26 -2.25 -41.17 12.73
N VAL A 27 -1.86 -41.06 14.00
CA VAL A 27 -1.72 -39.74 14.61
C VAL A 27 -0.58 -38.96 13.97
N LEU A 28 0.54 -39.64 13.69
CA LEU A 28 1.66 -38.97 13.04
C LEU A 28 1.29 -38.54 11.62
N LEU A 29 0.61 -39.41 10.87
CA LEU A 29 0.19 -39.06 9.52
C LEU A 29 -0.82 -37.91 9.53
N GLN A 30 -1.66 -37.83 10.56
CA GLN A 30 -2.57 -36.70 10.67
C GLN A 30 -1.82 -35.40 10.94
N ARG A 31 -0.73 -35.48 11.71
CA ARG A 31 0.08 -34.29 11.97
C ARG A 31 0.75 -33.80 10.70
N LEU A 32 1.18 -34.72 9.83
CA LEU A 32 1.78 -34.31 8.57
C LEU A 32 0.74 -33.63 7.67
N LEU A 33 -0.49 -34.14 7.66
CA LEU A 33 -1.55 -33.50 6.89
C LEU A 33 -1.87 -32.11 7.44
N ASP A 34 -1.88 -31.96 8.76
CA ASP A 34 -2.07 -30.63 9.35
C ASP A 34 -0.89 -29.71 9.03
N GLY A 35 0.33 -30.27 8.95
CA GLY A 35 1.47 -29.47 8.56
C GLY A 35 1.44 -29.06 7.11
N ARG A 36 0.91 -29.92 6.24
CA ARG A 36 0.76 -29.56 4.83
C ARG A 36 -0.24 -28.43 4.66
N LYS A 37 -1.34 -28.46 5.43
CA LYS A 37 -2.31 -27.37 5.37
C LYS A 37 -1.72 -26.06 5.89
N MET A 38 -0.89 -26.15 6.92
CA MET A 38 -0.24 -24.95 7.44
C MET A 38 0.69 -24.34 6.39
N CYS A 39 1.40 -25.19 5.64
CA CYS A 39 2.28 -24.67 4.59
C CYS A 39 1.46 -24.02 3.48
N LYS A 40 0.29 -24.56 3.18
CA LYS A 40 -0.59 -23.95 2.19
C LYS A 40 -1.09 -22.59 2.67
N ASP A 41 -1.44 -22.48 3.96
CA ASP A 41 -1.92 -21.22 4.49
C ASP A 41 -0.83 -20.15 4.45
N MET A 42 0.42 -20.55 4.70
CA MET A 42 1.53 -19.61 4.55
C MET A 42 1.70 -19.21 3.09
N GLU A 43 1.47 -20.14 2.17
CA GLU A 43 1.54 -19.83 0.74
C GLU A 43 0.48 -18.82 0.34
N GLU A 44 -0.75 -19.01 0.82
CA GLU A 44 -1.83 -18.09 0.45
C GLU A 44 -1.62 -16.71 1.05
N LEU A 45 -1.00 -16.62 2.23
CA LEU A 45 -0.72 -15.31 2.80
C LEU A 45 0.30 -14.55 1.97
N LEU A 46 1.33 -15.24 1.48
CA LEU A 46 2.31 -14.59 0.62
C LEU A 46 1.69 -14.21 -0.72
N ARG A 47 0.83 -15.07 -1.28
CA ARG A 47 0.18 -14.76 -2.55
C ARG A 47 -0.69 -13.53 -2.44
N GLN A 48 -1.54 -13.47 -1.42
CA GLN A 48 -2.45 -12.33 -1.26
C GLN A 48 -1.68 -11.06 -0.91
N ARG A 49 -0.61 -11.19 -0.12
CA ARG A 49 0.20 -10.01 0.20
C ARG A 49 0.94 -9.51 -1.03
N ALA A 50 1.43 -10.43 -1.87
CA ALA A 50 2.09 -10.02 -3.11
C ALA A 50 1.11 -9.31 -4.04
N GLN A 51 -0.13 -9.82 -4.12
CA GLN A 51 -1.12 -9.16 -4.95
C GLN A 51 -1.43 -7.76 -4.43
N ALA A 52 -1.46 -7.60 -3.10
CA ALA A 52 -1.72 -6.28 -2.52
C ALA A 52 -0.57 -5.33 -2.78
N GLU A 53 0.67 -5.81 -2.71
CA GLU A 53 1.83 -4.94 -2.95
C GLU A 53 1.87 -4.50 -4.41
N GLU A 54 1.57 -5.40 -5.34
CA GLU A 54 1.57 -5.04 -6.75
C GLU A 54 0.50 -4.00 -7.06
N ARG A 55 -0.73 -4.24 -6.61
CA ARG A 55 -1.80 -3.26 -6.81
C ARG A 55 -1.45 -1.93 -6.17
N TYR A 56 -0.92 -1.95 -4.95
CA TYR A 56 -0.52 -0.71 -4.28
C TYR A 56 0.61 -0.02 -5.03
N GLY A 57 1.63 -0.79 -5.43
CA GLY A 57 2.76 -0.20 -6.13
C GLY A 57 2.38 0.42 -7.46
N LYS A 58 1.52 -0.26 -8.23
CA LYS A 58 1.11 0.25 -9.53
C LYS A 58 0.30 1.54 -9.39
N GLU A 59 -0.53 1.64 -8.35
CA GLU A 59 -1.33 2.84 -8.15
C GLU A 59 -0.44 4.02 -7.78
N LEU A 60 0.58 3.80 -6.95
CA LEU A 60 1.51 4.87 -6.61
C LEU A 60 2.20 5.41 -7.85
N VAL A 61 2.61 4.53 -8.76
CA VAL A 61 3.26 4.97 -10.00
C VAL A 61 2.28 5.80 -10.84
N GLN A 62 1.03 5.36 -10.92
CA GLN A 62 0.05 6.07 -11.74
C GLN A 62 -0.25 7.46 -11.17
N ILE A 63 -0.31 7.58 -9.85
CA ILE A 63 -0.55 8.90 -9.25
C ILE A 63 0.64 9.82 -9.53
N ALA A 64 1.87 9.28 -9.47
CA ALA A 64 3.05 10.10 -9.69
C ALA A 64 3.12 10.60 -11.13
N ARG A 65 2.88 9.70 -12.09
CA ARG A 65 2.96 10.08 -13.50
C ARG A 65 1.90 11.11 -13.87
N LYS A 66 0.66 10.91 -13.41
CA LYS A 66 -0.44 11.78 -13.78
C LYS A 66 -0.54 13.04 -12.93
N ALA A 67 0.28 13.17 -11.89
CA ALA A 67 0.23 14.36 -11.06
C ALA A 67 0.68 15.59 -11.84
N GLY A 68 0.14 16.75 -11.45
CA GLY A 68 0.41 17.99 -12.16
C GLY A 68 1.60 18.77 -11.62
N GLY A 69 1.38 20.06 -11.34
CA GLY A 69 2.43 20.92 -10.85
C GLY A 69 3.18 21.68 -11.91
N GLN A 70 2.70 21.68 -13.16
CA GLN A 70 3.42 22.34 -14.24
C GLN A 70 3.45 23.85 -14.11
N THR A 71 2.51 24.43 -13.39
CA THR A 71 2.46 25.89 -13.24
C THR A 71 3.48 26.42 -12.24
N GLU A 72 4.13 25.56 -11.48
CA GLU A 72 5.11 26.00 -10.49
C GLU A 72 6.49 26.10 -11.12
N ILE A 73 7.35 26.90 -10.48
CA ILE A 73 8.69 27.17 -10.97
C ILE A 73 9.69 27.14 -9.81
N ASN A 74 10.95 26.99 -10.16
CA ASN A 74 12.10 27.15 -9.24
C ASN A 74 12.01 26.08 -8.16
N SER A 75 12.26 26.43 -6.89
CA SER A 75 12.48 25.43 -5.84
C SER A 75 11.21 24.63 -5.56
N LEU A 76 10.07 25.32 -5.40
CA LEU A 76 8.84 24.61 -5.08
C LEU A 76 8.46 23.62 -6.18
N ARG A 77 8.75 23.96 -7.44
CA ARG A 77 8.54 23.02 -8.52
C ARG A 77 9.47 21.82 -8.39
N ALA A 78 10.76 22.07 -8.09
CA ALA A 78 11.71 20.98 -7.94
C ALA A 78 11.35 20.11 -6.75
N SER A 79 10.88 20.71 -5.65
CA SER A 79 10.46 19.93 -4.50
C SER A 79 9.24 19.08 -4.82
N PHE A 80 8.30 19.63 -5.59
CA PHE A 80 7.12 18.85 -6.00
C PHE A 80 7.51 17.75 -6.97
N ASP A 81 8.41 18.05 -7.92
CA ASP A 81 8.91 17.01 -8.81
C ASP A 81 9.68 15.94 -8.06
N SER A 82 10.32 16.31 -6.95
CA SER A 82 11.03 15.32 -6.15
C SER A 82 10.06 14.35 -5.49
N LEU A 83 8.92 14.85 -5.00
CA LEU A 83 7.92 13.95 -4.42
C LEU A 83 7.32 13.04 -5.48
N LYS A 84 7.04 13.58 -6.67
CA LYS A 84 6.51 12.77 -7.76
C LYS A 84 7.52 11.70 -8.17
N GLN A 85 8.79 12.06 -8.28
CA GLN A 85 9.81 11.10 -8.68
C GLN A 85 9.99 10.01 -7.63
N GLN A 86 9.98 10.39 -6.35
CA GLN A 86 10.16 9.39 -5.29
C GLN A 86 8.91 8.55 -5.10
N MET A 87 7.73 9.08 -5.40
CA MET A 87 6.51 8.27 -5.33
C MET A 87 6.58 7.12 -6.33
N GLU A 88 7.05 7.39 -7.55
CA GLU A 88 7.21 6.32 -8.52
C GLU A 88 8.31 5.34 -8.08
N ASN A 89 9.37 5.86 -7.45
CA ASN A 89 10.41 4.98 -6.94
C ASN A 89 9.88 4.05 -5.86
N VAL A 90 9.05 4.58 -4.95
CA VAL A 90 8.42 3.73 -3.95
C VAL A 90 7.45 2.75 -4.60
N GLY A 91 6.64 3.24 -5.54
CA GLY A 91 5.70 2.36 -6.22
C GLY A 91 6.40 1.27 -7.02
N SER A 92 7.49 1.61 -7.69
CA SER A 92 8.25 0.60 -8.43
C SER A 92 8.92 -0.38 -7.47
N SER A 93 9.37 0.11 -6.31
CA SER A 93 9.99 -0.79 -5.33
C SER A 93 8.99 -1.78 -4.75
N HIS A 94 7.73 -1.37 -4.58
CA HIS A 94 6.72 -2.29 -4.06
C HIS A 94 6.32 -3.33 -5.09
N ILE A 95 6.39 -3.00 -6.39
CA ILE A 95 6.17 -4.00 -7.42
C ILE A 95 7.29 -5.04 -7.38
N GLN A 96 8.52 -4.60 -7.16
CA GLN A 96 9.64 -5.53 -7.01
C GLN A 96 9.48 -6.38 -5.76
N LEU A 97 8.88 -5.82 -4.71
CA LEU A 97 8.63 -6.60 -3.49
C LEU A 97 7.63 -7.72 -3.76
N ALA A 98 6.64 -7.46 -4.62
CA ALA A 98 5.67 -8.50 -4.97
C ALA A 98 6.35 -9.67 -5.67
N LEU A 99 7.29 -9.38 -6.57
CA LEU A 99 8.05 -10.44 -7.23
C LEU A 99 8.93 -11.18 -6.23
N THR A 100 9.45 -10.48 -5.23
CA THR A 100 10.27 -11.14 -4.22
C THR A 100 9.44 -12.11 -3.37
N LEU A 101 8.23 -11.68 -2.98
CA LEU A 101 7.36 -12.55 -2.19
C LEU A 101 6.88 -13.74 -3.00
N ARG A 102 6.64 -13.54 -4.30
CA ARG A 102 6.18 -14.64 -5.15
C ARG A 102 7.27 -15.68 -5.34
N GLU A 103 8.54 -15.28 -5.28
CA GLU A 103 9.62 -16.26 -5.34
C GLU A 103 9.70 -17.06 -4.05
N GLU A 104 9.50 -16.41 -2.91
CA GLU A 104 9.41 -17.13 -1.64
C GLU A 104 8.20 -18.05 -1.62
N LEU A 105 7.09 -17.61 -2.24
CA LEU A 105 5.91 -18.47 -2.37
C LEU A 105 6.24 -19.71 -3.20
N ARG A 106 6.97 -19.55 -4.29
CA ARG A 106 7.34 -20.69 -5.12
C ARG A 106 8.34 -21.59 -4.41
N SER A 107 9.16 -21.03 -3.51
CA SER A 107 10.13 -21.83 -2.77
C SER A 107 9.44 -22.77 -1.78
N LEU A 108 8.45 -22.27 -1.05
CA LEU A 108 7.69 -23.13 -0.14
C LEU A 108 6.83 -24.12 -0.92
N GLU A 109 6.35 -23.73 -2.09
CA GLU A 109 5.49 -24.60 -2.87
C GLU A 109 6.23 -25.86 -3.32
N GLU A 110 7.50 -25.71 -3.72
CA GLU A 110 8.26 -26.89 -4.14
C GLU A 110 8.74 -27.71 -2.94
N PHE A 111 8.92 -27.07 -1.78
CA PHE A 111 9.23 -27.84 -0.57
C PHE A 111 8.03 -28.68 -0.15
N ARG A 112 6.83 -28.11 -0.27
CA ARG A 112 5.62 -28.84 0.11
C ARG A 112 5.38 -30.05 -0.79
N GLU A 113 5.63 -29.90 -2.09
CA GLU A 113 5.42 -31.01 -3.01
C GLU A 113 6.50 -32.09 -2.89
N ARG A 114 7.73 -31.70 -2.55
CA ARG A 114 8.77 -32.71 -2.36
C ARG A 114 8.51 -33.55 -1.11
N GLN A 115 7.89 -32.96 -0.08
CA GLN A 115 7.55 -33.74 1.11
C GLN A 115 6.35 -34.65 0.88
N LYS A 116 5.40 -34.23 0.04
CA LYS A 116 4.28 -35.11 -0.27
C LYS A 116 4.73 -36.34 -1.04
N GLU A 117 5.67 -36.17 -1.97
CA GLU A 117 6.18 -37.30 -2.72
C GLU A 117 6.88 -38.30 -1.80
N GLN A 118 7.70 -37.81 -0.87
CA GLN A 118 8.38 -38.71 0.05
C GLN A 118 7.42 -39.30 1.07
N ARG A 119 6.38 -38.55 1.45
CA ARG A 119 5.41 -39.07 2.40
C ARG A 119 4.62 -40.23 1.79
N LYS A 120 4.19 -40.09 0.53
CA LYS A 120 3.44 -41.16 -0.13
C LYS A 120 4.24 -42.45 -0.22
N LYS A 121 5.56 -42.35 -0.34
CA LYS A 121 6.39 -43.55 -0.38
C LYS A 121 6.39 -44.29 0.94
N TYR A 122 6.48 -43.55 2.05
CA TYR A 122 6.38 -44.18 3.37
C TYR A 122 4.97 -44.67 3.65
N GLU A 123 3.96 -43.99 3.10
CA GLU A 123 2.58 -44.44 3.29
C GLU A 123 2.34 -45.79 2.63
N ALA A 124 2.91 -45.99 1.43
CA ALA A 124 2.72 -47.26 0.73
C ALA A 124 3.42 -48.41 1.46
N VAL A 125 4.57 -48.14 2.06
CA VAL A 125 5.30 -49.18 2.76
C VAL A 125 4.55 -49.59 4.04
N MET A 126 4.12 -48.59 4.82
CA MET A 126 3.42 -48.90 6.06
C MET A 126 2.07 -49.55 5.80
N ASP A 127 1.34 -49.07 4.80
CA ASP A 127 0.04 -49.65 4.48
C ASP A 127 0.18 -51.12 4.07
N ARG A 128 1.25 -51.45 3.34
CA ARG A 128 1.46 -52.83 2.91
C ARG A 128 1.75 -53.75 4.09
N VAL A 129 2.68 -53.34 4.96
CA VAL A 129 3.09 -54.21 6.06
C VAL A 129 2.01 -54.27 7.14
N GLN A 130 1.26 -53.19 7.33
CA GLN A 130 0.16 -53.21 8.30
C GLN A 130 -0.99 -54.07 7.80
N LYS A 131 -1.29 -54.01 6.51
CA LYS A 131 -2.34 -54.85 5.94
C LYS A 131 -1.98 -56.33 6.04
N SER A 132 -0.72 -56.66 5.81
CA SER A 132 -0.28 -58.05 5.94
C SER A 132 -0.24 -58.49 7.40
N LYS A 133 0.16 -57.58 8.30
CA LYS A 133 0.20 -57.91 9.72
C LYS A 133 -1.19 -58.26 10.25
N LEU A 134 -2.19 -57.45 9.90
CA LEU A 134 -3.56 -57.73 10.33
C LEU A 134 -4.13 -58.96 9.63
N SER A 135 -3.70 -59.22 8.40
CA SER A 135 -4.19 -60.39 7.68
C SER A 135 -3.73 -61.68 8.32
N LEU A 136 -2.43 -61.79 8.59
CA LEU A 136 -1.90 -63.01 9.21
C LEU A 136 -2.37 -63.15 10.65
N TYR A 137 -2.61 -62.04 11.35
CA TYR A 137 -3.17 -62.12 12.69
C TYR A 137 -4.58 -62.70 12.65
N LYS A 138 -5.37 -62.31 11.64
CA LYS A 138 -6.70 -62.87 11.49
C LYS A 138 -6.64 -64.37 11.20
N LYS A 139 -5.68 -64.78 10.35
CA LYS A 139 -5.52 -66.19 10.05
C LYS A 139 -5.06 -66.96 11.29
N ALA A 140 -4.19 -66.36 12.10
CA ALA A 140 -3.72 -67.03 13.31
C ALA A 140 -4.86 -67.22 14.30
N MET A 141 -5.76 -66.24 14.41
CA MET A 141 -6.89 -66.38 15.30
C MET A 141 -7.91 -67.39 14.77
N GLU A 142 -8.09 -67.43 13.45
CA GLU A 142 -8.95 -68.45 12.85
C GLU A 142 -8.38 -69.84 13.07
N SER A 143 -7.05 -69.97 12.99
CA SER A 143 -6.41 -71.26 13.28
C SER A 143 -6.56 -71.61 14.75
N LYS A 144 -6.51 -70.62 15.63
CA LYS A 144 -6.70 -70.86 17.05
C LYS A 144 -8.12 -71.35 17.33
N LYS A 145 -9.11 -70.79 16.64
CA LYS A 145 -10.49 -71.23 16.81
C LYS A 145 -10.67 -72.67 16.37
N THR A 146 -10.11 -73.03 15.22
CA THR A 146 -10.24 -74.41 14.74
C THR A 146 -9.48 -75.37 15.65
N TYR A 147 -8.28 -74.98 16.09
CA TYR A 147 -7.50 -75.84 16.98
C TYR A 147 -8.22 -76.10 18.29
N GLU A 148 -8.83 -75.06 18.88
CA GLU A 148 -9.54 -75.25 20.14
C GLU A 148 -10.85 -76.00 19.93
N GLN A 149 -11.49 -75.84 18.77
CA GLN A 149 -12.70 -76.61 18.49
C GLN A 149 -12.38 -78.09 18.30
N LYS A 150 -11.26 -78.40 17.65
CA LYS A 150 -10.85 -79.79 17.50
C LYS A 150 -10.47 -80.40 18.85
N CYS A 151 -9.95 -79.59 19.77
CA CYS A 151 -9.63 -80.08 21.11
C CYS A 151 -10.91 -80.40 21.88
N ARG A 152 -11.94 -79.57 21.74
CA ARG A 152 -13.22 -79.87 22.39
C ARG A 152 -13.86 -81.12 21.81
N ASP A 153 -13.78 -81.29 20.49
CA ASP A 153 -14.29 -82.52 19.88
C ASP A 153 -13.53 -83.74 20.40
N ALA A 154 -12.21 -83.61 20.58
CA ALA A 154 -11.43 -84.71 21.14
C ALA A 154 -11.81 -85.00 22.58
N ASP A 155 -12.20 -83.96 23.33
CA ASP A 155 -12.62 -84.18 24.71
C ASP A 155 -13.97 -84.89 24.77
N ASP A 156 -14.90 -84.52 23.89
CA ASP A 156 -16.20 -85.19 23.86
C ASP A 156 -16.06 -86.61 23.32
N ALA A 157 -15.09 -86.86 22.46
CA ALA A 157 -14.87 -88.21 21.95
C ALA A 157 -14.26 -89.11 23.02
N GLU A 158 -13.37 -88.57 23.84
CA GLU A 158 -12.75 -89.36 24.88
C GLU A 158 -13.71 -89.62 26.05
N GLN A 159 -14.51 -88.61 26.43
CA GLN A 159 -15.48 -88.82 27.49
C GLN A 159 -16.57 -89.80 27.07
N ALA A 160 -16.93 -89.81 25.78
CA ALA A 160 -17.91 -90.78 25.31
C ALA A 160 -17.36 -92.20 25.35
N PHE A 161 -16.07 -92.36 25.03
CA PHE A 161 -15.46 -93.68 25.12
C PHE A 161 -15.33 -94.11 26.58
N GLU A 162 -14.86 -93.22 27.45
CA GLU A 162 -14.68 -93.56 28.85
C GLU A 162 -15.99 -93.84 29.55
N ARG A 163 -17.08 -93.22 29.09
CA ARG A 163 -18.40 -93.49 29.66
C ARG A 163 -18.79 -94.95 29.46
N ILE A 164 -18.70 -95.43 28.22
CA ILE A 164 -19.12 -96.81 27.91
C ILE A 164 -18.00 -97.83 28.08
N SER A 165 -16.75 -97.39 28.28
CA SER A 165 -15.65 -98.34 28.42
C SER A 165 -15.75 -99.15 29.70
N ALA A 166 -16.53 -98.71 30.67
CA ALA A 166 -16.67 -99.41 31.93
C ALA A 166 -17.33 -100.77 31.73
N ASN A 167 -18.59 -100.77 31.31
CA ASN A 167 -19.36 -102.01 31.16
C ASN A 167 -20.01 -102.14 29.79
N GLY A 168 -19.61 -101.33 28.81
CA GLY A 168 -20.22 -101.37 27.50
C GLY A 168 -19.81 -102.59 26.70
N HIS A 169 -20.50 -102.76 25.57
CA HIS A 169 -20.22 -103.87 24.68
C HIS A 169 -18.86 -103.72 24.03
N GLN A 170 -18.23 -104.86 23.73
CA GLN A 170 -16.90 -104.85 23.13
C GLN A 170 -16.89 -104.11 21.80
N LYS A 171 -17.91 -104.32 20.97
CA LYS A 171 -17.98 -103.63 19.69
C LYS A 171 -18.18 -102.14 19.87
N GLN A 172 -19.03 -101.74 20.83
CA GLN A 172 -19.28 -100.31 21.05
C GLN A 172 -18.07 -99.62 21.67
N VAL A 173 -17.38 -100.30 22.59
CA VAL A 173 -16.21 -99.69 23.23
C VAL A 173 -15.08 -99.53 22.22
N GLU A 174 -14.85 -100.54 21.38
CA GLU A 174 -13.83 -100.41 20.35
C GLU A 174 -14.22 -99.38 19.30
N LYS A 175 -15.53 -99.21 19.06
CA LYS A 175 -15.99 -98.20 18.10
C LYS A 175 -15.70 -96.79 18.61
N SER A 176 -15.99 -96.53 19.88
CA SER A 176 -15.75 -95.21 20.44
C SER A 176 -14.27 -94.92 20.61
N GLN A 177 -13.46 -95.96 20.80
CA GLN A 177 -12.02 -95.77 20.91
C GLN A 177 -11.43 -95.31 19.59
N ASN A 178 -11.87 -95.89 18.47
CA ASN A 178 -11.39 -95.46 17.17
C ASN A 178 -11.84 -94.04 16.84
N LYS A 179 -13.03 -93.65 17.32
CA LYS A 179 -13.48 -92.28 17.10
C LYS A 179 -12.65 -91.29 17.92
N ALA A 180 -12.33 -91.64 19.16
CA ALA A 180 -11.49 -90.78 19.98
C ALA A 180 -10.08 -90.68 19.42
N ARG A 181 -9.57 -91.75 18.80
CA ARG A 181 -8.25 -91.70 18.19
C ARG A 181 -8.24 -90.76 16.98
N GLN A 182 -9.30 -90.78 16.18
CA GLN A 182 -9.38 -89.88 15.03
C GLN A 182 -9.54 -88.42 15.45
N CYS A 183 -10.27 -88.18 16.53
CA CYS A 183 -10.44 -86.80 16.99
C CYS A 183 -9.13 -86.24 17.53
N LYS A 184 -8.32 -87.08 18.19
CA LYS A 184 -7.01 -86.61 18.67
C LYS A 184 -6.07 -86.32 17.52
N ASP A 185 -6.17 -87.08 16.42
CA ASP A 185 -5.36 -86.80 15.25
C ASP A 185 -5.72 -85.47 14.62
N SER A 186 -7.02 -85.17 14.54
CA SER A 186 -7.44 -83.89 13.97
C SER A 186 -7.01 -82.72 14.84
N ALA A 187 -6.95 -82.91 16.16
CA ALA A 187 -6.45 -81.86 17.04
C ALA A 187 -4.95 -81.64 16.86
N THR A 188 -4.20 -82.73 16.65
CA THR A 188 -2.76 -82.59 16.42
C THR A 188 -2.47 -81.93 15.08
N GLU A 189 -3.20 -82.32 14.03
CA GLU A 189 -3.01 -81.68 12.73
C GLU A 189 -3.45 -80.23 12.76
N ALA A 190 -4.56 -79.93 13.44
CA ALA A 190 -4.99 -78.54 13.58
C ALA A 190 -4.02 -77.74 14.45
N GLU A 191 -3.32 -78.40 15.36
CA GLU A 191 -2.34 -77.69 16.20
C GLU A 191 -1.15 -77.23 15.38
N ARG A 192 -0.69 -78.07 14.43
CA ARG A 192 0.43 -77.69 13.58
C ARG A 192 0.07 -76.52 12.68
N VAL A 193 -1.16 -76.49 12.18
CA VAL A 193 -1.62 -75.35 11.38
C VAL A 193 -1.66 -74.10 12.25
N TYR A 194 -2.09 -74.24 13.50
CA TYR A 194 -2.11 -73.11 14.42
C TYR A 194 -0.70 -72.68 14.80
N ARG A 195 0.20 -73.64 15.01
CA ARG A 195 1.59 -73.29 15.31
C ARG A 195 2.24 -72.55 14.14
N GLN A 196 1.94 -72.97 12.91
CA GLN A 196 2.54 -72.30 11.76
C GLN A 196 1.97 -70.90 11.58
N SER A 197 0.68 -70.71 11.83
CA SER A 197 0.08 -69.39 11.71
C SER A 197 0.72 -68.41 12.69
N ILE A 198 1.03 -68.87 13.90
CA ILE A 198 1.72 -68.01 14.86
C ILE A 198 3.13 -67.72 14.39
N ALA A 199 3.79 -68.70 13.76
CA ALA A 199 5.15 -68.48 13.26
C ALA A 199 5.16 -67.50 12.10
N GLN A 200 4.23 -67.64 11.15
CA GLN A 200 4.17 -66.71 10.03
C GLN A 200 3.83 -65.30 10.49
N LEU A 201 2.94 -65.19 11.49
CA LEU A 201 2.57 -63.88 12.01
C LEU A 201 3.74 -63.21 12.72
N GLU A 202 4.56 -64.00 13.42
CA GLU A 202 5.66 -63.42 14.20
C GLU A 202 6.70 -62.75 13.30
N LYS A 203 7.05 -63.38 12.18
CA LYS A 203 8.04 -62.78 11.29
C LYS A 203 7.53 -61.48 10.70
N VAL A 204 6.24 -61.43 10.33
CA VAL A 204 5.68 -60.20 9.78
C VAL A 204 5.54 -59.14 10.86
N ARG A 205 5.24 -59.55 12.09
CA ARG A 205 5.14 -58.58 13.19
C ARG A 205 6.48 -57.90 13.44
N ALA A 206 7.58 -58.67 13.45
CA ALA A 206 8.90 -58.08 13.62
C ALA A 206 9.25 -57.16 12.46
N GLU A 207 8.78 -57.49 11.25
CA GLU A 207 8.99 -56.62 10.10
C GLU A 207 8.23 -55.30 10.27
N TRP A 208 7.00 -55.37 10.78
CA TRP A 208 6.20 -54.16 10.99
C TRP A 208 6.85 -53.25 12.03
N GLU A 209 7.37 -53.83 13.12
CA GLU A 209 8.00 -53.02 14.15
C GLU A 209 9.22 -52.30 13.62
N GLN A 210 9.99 -52.96 12.74
CA GLN A 210 11.15 -52.30 12.14
C GLN A 210 10.72 -51.20 11.16
N GLU A 211 9.65 -51.46 10.41
CA GLU A 211 9.15 -50.44 9.48
C GLU A 211 8.59 -49.25 10.23
N HIS A 212 7.80 -49.49 11.29
CA HIS A 212 7.20 -48.42 12.05
C HIS A 212 8.27 -47.50 12.64
N ARG A 213 9.34 -48.07 13.19
CA ARG A 213 10.42 -47.25 13.75
C ARG A 213 11.12 -46.45 12.66
N THR A 214 11.26 -47.02 11.46
CA THR A 214 11.89 -46.31 10.36
C THR A 214 11.01 -45.17 9.86
N THR A 215 9.70 -45.43 9.74
CA THR A 215 8.79 -44.39 9.26
C THR A 215 8.68 -43.25 10.27
N CYS A 216 8.74 -43.56 11.57
CA CYS A 216 8.65 -42.51 12.58
C CYS A 216 9.84 -41.56 12.51
N GLU A 217 11.06 -42.10 12.36
CA GLU A 217 12.22 -41.24 12.22
C GLU A 217 12.13 -40.39 10.96
N ALA A 218 11.56 -40.93 9.89
CA ALA A 218 11.40 -40.17 8.66
C ALA A 218 10.34 -39.08 8.82
N PHE A 219 9.22 -39.42 9.46
CA PHE A 219 8.18 -38.41 9.67
C PHE A 219 8.66 -37.32 10.60
N GLN A 220 9.49 -37.66 11.59
CA GLN A 220 10.05 -36.64 12.47
C GLN A 220 11.02 -35.74 11.71
N LEU A 221 11.80 -36.31 10.79
CA LEU A 221 12.70 -35.50 9.97
C LEU A 221 11.91 -34.57 9.05
N GLN A 222 10.77 -35.05 8.55
CA GLN A 222 9.92 -34.20 7.72
C GLN A 222 9.35 -33.04 8.52
N GLU A 223 9.02 -33.27 9.79
CA GLU A 223 8.50 -32.19 10.63
C GLU A 223 9.61 -31.23 11.02
N PHE A 224 10.80 -31.74 11.30
CA PHE A 224 11.93 -30.86 11.59
C PHE A 224 12.25 -29.97 10.40
N ASP A 225 12.17 -30.52 9.19
CA ASP A 225 12.40 -29.72 7.99
C ASP A 225 11.29 -28.70 7.78
N ARG A 226 10.04 -29.10 7.99
CA ARG A 226 8.91 -28.20 7.77
C ARG A 226 8.91 -27.06 8.78
N LEU A 227 9.11 -27.38 10.07
CA LEU A 227 9.14 -26.34 11.09
C LEU A 227 10.30 -25.37 10.85
N THR A 228 11.44 -25.88 10.38
CA THR A 228 12.59 -25.02 10.14
C THR A 228 12.32 -24.05 8.98
N ILE A 229 11.80 -24.56 7.87
CA ILE A 229 11.60 -23.71 6.70
C ILE A 229 10.43 -22.77 6.91
N LEU A 230 9.41 -23.17 7.68
CA LEU A 230 8.28 -22.28 7.95
C LEU A 230 8.66 -21.19 8.93
N ARG A 231 9.41 -21.54 9.99
CA ARG A 231 9.92 -20.51 10.89
C ARG A 231 10.86 -19.56 10.16
N ASN A 232 11.73 -20.10 9.30
CA ASN A 232 12.62 -19.24 8.51
C ASN A 232 11.83 -18.37 7.54
N ALA A 233 10.76 -18.92 6.95
CA ALA A 233 9.95 -18.15 6.02
C ALA A 233 9.30 -16.95 6.70
N LEU A 234 8.84 -17.14 7.95
CA LEU A 234 8.28 -16.02 8.70
C LEU A 234 9.35 -14.99 9.03
N TRP A 235 10.57 -15.46 9.37
CA TRP A 235 11.65 -14.54 9.68
C TRP A 235 12.09 -13.75 8.46
N VAL A 236 12.18 -14.42 7.31
CA VAL A 236 12.55 -13.73 6.07
C VAL A 236 11.45 -12.79 5.63
N HIS A 237 10.18 -13.22 5.75
CA HIS A 237 9.07 -12.39 5.34
C HIS A 237 9.00 -11.10 6.16
N SER A 238 9.26 -11.20 7.47
CA SER A 238 9.25 -10.01 8.30
C SER A 238 10.42 -9.09 7.95
N ASN A 239 11.57 -9.65 7.60
CA ASN A 239 12.72 -8.83 7.25
C ASN A 239 12.51 -8.13 5.92
N GLN A 240 11.92 -8.82 4.94
CA GLN A 240 11.67 -8.19 3.64
C GLN A 240 10.66 -7.06 3.76
N LEU A 241 9.67 -7.20 4.64
CA LEU A 241 8.74 -6.10 4.88
C LEU A 241 9.42 -4.95 5.63
N SER A 242 10.28 -5.28 6.59
CA SER A 242 11.03 -4.25 7.29
C SER A 242 12.04 -3.58 6.38
N MET A 243 12.62 -4.34 5.44
CA MET A 243 13.52 -3.74 4.46
C MET A 243 12.78 -2.76 3.55
N GLN A 244 11.51 -3.03 3.26
CA GLN A 244 10.73 -2.10 2.45
C GLN A 244 10.48 -0.79 3.18
N CYS A 245 10.32 -0.85 4.51
CA CYS A 245 10.14 0.38 5.27
C CYS A 245 11.40 1.23 5.27
N VAL A 246 12.57 0.58 5.29
CA VAL A 246 13.82 1.32 5.27
C VAL A 246 14.07 1.91 3.89
N LYS A 247 13.77 1.14 2.84
CA LYS A 247 13.93 1.66 1.47
C LYS A 247 13.04 2.87 1.24
N ASP A 248 11.77 2.79 1.65
CA ASP A 248 10.86 3.91 1.44
C ASP A 248 11.31 5.14 2.23
N ASP A 249 11.78 4.93 3.47
CA ASP A 249 12.26 6.06 4.27
C ASP A 249 13.45 6.73 3.61
N GLU A 250 14.32 5.95 2.95
CA GLU A 250 15.45 6.53 2.24
C GLU A 250 14.98 7.29 0.99
N LEU A 251 13.96 6.77 0.31
CA LEU A 251 13.42 7.47 -0.84
C LEU A 251 12.70 8.75 -0.44
N TYR A 252 11.94 8.70 0.65
CA TYR A 252 11.31 9.90 1.17
C TYR A 252 12.33 10.89 1.73
N GLU A 253 13.52 10.42 2.11
CA GLU A 253 14.56 11.33 2.57
C GLU A 253 15.03 12.25 1.45
N GLU A 254 15.00 11.77 0.20
CA GLU A 254 15.39 12.62 -0.92
C GLU A 254 14.43 13.78 -1.10
N VAL A 255 13.17 13.62 -0.73
CA VAL A 255 12.22 14.72 -0.81
C VAL A 255 12.55 15.79 0.21
N ARG A 256 12.95 15.40 1.43
CA ARG A 256 13.33 16.37 2.43
C ARG A 256 14.64 17.06 2.10
N LEU A 257 15.57 16.34 1.46
CA LEU A 257 16.83 16.96 1.05
C LEU A 257 16.59 18.05 0.00
N THR A 258 15.65 17.83 -0.91
CA THR A 258 15.31 18.85 -1.89
C THR A 258 14.64 20.05 -1.23
N LEU A 259 13.84 19.81 -0.20
CA LEU A 259 13.16 20.91 0.49
C LEU A 259 14.11 21.78 1.29
N GLU A 260 15.27 21.26 1.71
CA GLU A 260 16.22 22.08 2.45
C GLU A 260 16.80 23.19 1.58
N GLY A 261 16.89 22.97 0.27
CA GLY A 261 17.37 23.99 -0.62
C GLY A 261 16.23 24.77 -1.26
N CYS A 262 15.08 24.75 -0.60
CA CYS A 262 13.88 25.46 -1.08
C CYS A 262 13.73 26.74 -0.25
N SER A 263 14.18 27.85 -0.81
CA SER A 263 14.11 29.15 -0.16
C SER A 263 12.93 29.93 -0.73
N ILE A 264 12.05 30.38 0.16
CA ILE A 264 10.87 31.14 -0.28
C ILE A 264 11.30 32.45 -0.94
N ASP A 265 12.27 33.14 -0.34
CA ASP A 265 12.74 34.40 -0.89
C ASP A 265 13.44 34.21 -2.23
N ALA A 266 14.14 33.08 -2.41
CA ALA A 266 14.83 32.84 -3.67
C ALA A 266 13.84 32.61 -4.82
N ASP A 267 12.72 31.92 -4.53
CA ASP A 267 11.72 31.72 -5.57
C ASP A 267 11.02 33.01 -5.94
N ILE A 268 10.76 33.87 -4.94
CA ILE A 268 10.15 35.17 -5.23
C ILE A 268 11.08 36.04 -6.06
N ASP A 269 12.38 36.03 -5.73
CA ASP A 269 13.35 36.79 -6.51
C ASP A 269 13.47 36.26 -7.93
N SER A 270 13.38 34.94 -8.10
CA SER A 270 13.52 34.35 -9.42
C SER A 270 12.34 34.72 -10.32
N PHE A 271 11.13 34.75 -9.77
CA PHE A 271 9.98 35.16 -10.56
C PHE A 271 10.06 36.63 -10.95
N ILE A 272 10.54 37.47 -10.03
CA ILE A 272 10.65 38.90 -10.32
C ILE A 272 11.66 39.13 -11.44
N GLN A 273 12.84 38.52 -11.33
CA GLN A 273 13.88 38.72 -12.34
C GLN A 273 13.44 38.23 -13.71
N ALA A 274 12.61 37.18 -13.76
CA ALA A 274 12.22 36.61 -15.04
C ALA A 274 11.02 37.33 -15.66
N LYS A 275 10.10 37.84 -14.84
CA LYS A 275 8.85 38.40 -15.35
C LYS A 275 8.70 39.89 -15.08
N SER A 276 9.76 40.58 -14.68
CA SER A 276 9.66 42.01 -14.42
C SER A 276 9.34 42.76 -15.70
N THR A 277 8.46 43.76 -15.59
CA THR A 277 8.05 44.58 -16.72
C THR A 277 8.66 45.97 -16.71
N GLY A 278 8.80 46.58 -15.53
CA GLY A 278 9.38 47.91 -15.43
C GLY A 278 9.59 48.35 -14.00
N THR A 279 10.62 49.16 -13.77
CA THR A 279 10.94 49.67 -12.44
C THR A 279 10.49 51.11 -12.24
N GLU A 280 9.96 51.76 -13.27
CA GLU A 280 9.54 53.14 -13.18
C GLU A 280 8.07 53.26 -13.57
N PRO A 281 7.24 53.90 -12.75
CA PRO A 281 5.83 54.10 -13.12
C PRO A 281 5.71 55.07 -14.28
N PRO A 282 4.61 55.03 -15.02
CA PRO A 282 4.47 55.93 -16.18
C PRO A 282 4.39 57.39 -15.75
N ALA A 283 5.00 58.25 -16.55
CA ALA A 283 4.99 59.67 -16.26
C ALA A 283 3.58 60.23 -16.44
N PRO A 284 3.20 61.22 -15.61
CA PRO A 284 1.86 61.80 -15.75
C PRO A 284 1.71 62.55 -17.06
N VAL A 285 0.48 62.62 -17.54
CA VAL A 285 0.16 63.31 -18.80
C VAL A 285 -0.02 64.79 -18.50
N PRO A 286 0.87 65.65 -18.99
CA PRO A 286 0.80 67.07 -18.65
C PRO A 286 0.04 67.88 -19.70
N TYR A 287 -0.38 69.08 -19.29
CA TYR A 287 -0.96 70.02 -20.22
C TYR A 287 0.10 70.52 -21.19
N GLN A 288 -0.19 70.47 -22.49
CA GLN A 288 0.75 70.87 -23.53
C GLN A 288 0.16 72.08 -24.26
N ASN A 289 0.82 73.22 -24.13
CA ASN A 289 0.38 74.42 -24.83
C ASN A 289 0.68 74.31 -26.32
N TYR A 290 -0.29 74.70 -27.14
CA TYR A 290 -0.10 74.63 -28.59
C TYR A 290 0.92 75.64 -29.08
N TYR A 291 1.18 76.70 -28.30
CA TYR A 291 2.09 77.76 -28.70
C TYR A 291 3.48 77.60 -28.10
N ASP A 292 3.67 76.65 -27.19
CA ASP A 292 4.97 76.39 -26.59
C ASP A 292 5.66 75.22 -27.29
N GLN B 7 16.53 42.30 -2.05
CA GLN B 7 16.15 43.53 -2.74
C GLN B 7 15.34 43.22 -3.99
N LEU B 8 14.08 42.82 -3.79
CA LEU B 8 13.19 42.51 -4.91
C LEU B 8 11.76 42.58 -4.40
N GLN B 9 10.98 43.53 -4.92
CA GLN B 9 9.60 43.72 -4.48
C GLN B 9 8.70 43.83 -5.70
N PHE B 10 7.43 43.44 -5.52
CA PHE B 10 6.46 43.50 -6.61
C PHE B 10 6.17 44.94 -7.00
N LYS B 11 6.08 45.83 -6.03
CA LYS B 11 5.77 47.24 -6.31
C LYS B 11 6.81 47.88 -7.22
N ASP B 12 8.08 47.73 -6.87
CA ASP B 12 9.17 48.38 -7.60
C ASP B 12 9.55 47.69 -8.91
N ALA B 13 8.87 46.60 -9.29
CA ALA B 13 9.36 45.86 -10.45
C ALA B 13 8.26 45.41 -11.42
N PHE B 14 7.07 46.00 -11.35
CA PHE B 14 5.99 45.62 -12.26
C PHE B 14 5.20 46.84 -12.71
N TRP B 15 5.92 47.84 -13.22
CA TRP B 15 5.33 49.03 -13.81
C TRP B 15 5.40 48.93 -15.33
N CYS B 16 4.88 49.96 -16.00
CA CYS B 16 4.93 50.05 -17.45
C CYS B 16 5.09 51.51 -17.87
N ARG B 17 6.10 51.77 -18.71
CA ARG B 17 6.28 53.12 -19.24
C ARG B 17 5.08 53.54 -20.06
N ASP B 18 4.47 52.61 -20.79
CA ASP B 18 3.26 52.90 -21.54
C ASP B 18 2.13 53.25 -20.58
N PHE B 19 1.54 54.43 -20.76
CA PHE B 19 0.52 54.91 -19.84
C PHE B 19 -0.72 54.02 -19.89
N THR B 20 -1.06 53.52 -21.07
CA THR B 20 -2.27 52.72 -21.26
C THR B 20 -2.05 51.23 -21.04
N ALA B 21 -0.85 50.80 -20.70
CA ALA B 21 -0.52 49.39 -20.51
C ALA B 21 -0.57 49.04 -19.04
N HIS B 22 -1.21 47.91 -18.72
CA HIS B 22 -1.25 47.37 -17.37
C HIS B 22 -0.67 45.95 -17.35
N THR B 23 0.39 45.74 -18.14
CA THR B 23 0.99 44.42 -18.24
C THR B 23 1.58 43.97 -16.91
N GLY B 24 2.08 44.91 -16.10
CA GLY B 24 2.63 44.55 -14.80
C GLY B 24 1.60 43.89 -13.91
N TYR B 25 0.40 44.46 -13.84
CA TYR B 25 -0.66 43.86 -13.04
C TYR B 25 -1.12 42.54 -13.63
N GLU B 26 -1.18 42.45 -14.96
CA GLU B 26 -1.65 41.22 -15.60
C GLU B 26 -0.68 40.06 -15.36
N VAL B 27 0.62 40.35 -15.36
CA VAL B 27 1.61 39.31 -15.10
C VAL B 27 1.50 38.81 -13.67
N LEU B 28 1.31 39.73 -12.71
CA LEU B 28 1.14 39.32 -11.32
C LEU B 28 -0.14 38.51 -11.12
N LEU B 29 -1.24 38.96 -11.73
CA LEU B 29 -2.49 38.21 -11.62
C LEU B 29 -2.38 36.84 -12.25
N GLN B 30 -1.61 36.71 -13.33
CA GLN B 30 -1.38 35.40 -13.93
C GLN B 30 -0.56 34.50 -13.02
N ARG B 31 0.38 35.08 -12.26
CA ARG B 31 1.16 34.28 -11.32
C ARG B 31 0.28 33.73 -10.20
N LEU B 32 -0.70 34.52 -9.76
CA LEU B 32 -1.63 34.03 -8.75
C LEU B 32 -2.51 32.91 -9.28
N LEU B 33 -2.93 33.01 -10.55
CA LEU B 33 -3.71 31.94 -11.17
C LEU B 33 -2.88 30.68 -11.31
N ASP B 34 -1.60 30.82 -11.68
CA ASP B 34 -0.71 29.67 -11.72
C ASP B 34 -0.46 29.10 -10.34
N GLY B 35 -0.44 29.95 -9.31
CA GLY B 35 -0.30 29.45 -7.95
C GLY B 35 -1.53 28.72 -7.47
N ARG B 36 -2.72 29.16 -7.90
CA ARG B 36 -3.95 28.45 -7.55
C ARG B 36 -3.99 27.07 -8.19
N LYS B 37 -3.51 26.95 -9.43
CA LYS B 37 -3.47 25.65 -10.08
C LYS B 37 -2.46 24.73 -9.40
N MET B 38 -1.33 25.29 -8.95
CA MET B 38 -0.33 24.48 -8.25
C MET B 38 -0.88 23.95 -6.93
N CYS B 39 -1.65 24.78 -6.21
CA CYS B 39 -2.26 24.32 -4.96
C CYS B 39 -3.28 23.22 -5.22
N LYS B 40 -4.02 23.31 -6.33
CA LYS B 40 -4.97 22.26 -6.68
C LYS B 40 -4.25 20.95 -7.00
N ASP B 41 -3.11 21.04 -7.71
CA ASP B 41 -2.36 19.83 -8.03
C ASP B 41 -1.80 19.18 -6.77
N MET B 42 -1.37 19.98 -5.80
CA MET B 42 -0.95 19.42 -4.51
C MET B 42 -2.14 18.79 -3.78
N GLU B 43 -3.32 19.40 -3.89
CA GLU B 43 -4.51 18.85 -3.27
C GLU B 43 -4.89 17.51 -3.91
N GLU B 44 -4.84 17.44 -5.25
CA GLU B 44 -5.24 16.22 -5.94
C GLU B 44 -4.27 15.08 -5.68
N LEU B 45 -2.98 15.39 -5.49
CA LEU B 45 -2.00 14.35 -5.17
C LEU B 45 -2.28 13.74 -3.81
N LEU B 46 -2.65 14.57 -2.83
CA LEU B 46 -3.00 14.05 -1.51
C LEU B 46 -4.28 13.25 -1.55
N ARG B 47 -5.26 13.71 -2.35
CA ARG B 47 -6.52 12.99 -2.45
C ARG B 47 -6.32 11.59 -3.02
N GLN B 48 -5.60 11.49 -4.13
CA GLN B 48 -5.38 10.19 -4.74
C GLN B 48 -4.49 9.31 -3.88
N ARG B 49 -3.50 9.91 -3.20
CA ARG B 49 -2.65 9.13 -2.30
C ARG B 49 -3.45 8.60 -1.12
N ALA B 50 -4.38 9.40 -0.60
CA ALA B 50 -5.24 8.92 0.49
C ALA B 50 -6.08 7.74 0.04
N GLN B 51 -6.62 7.81 -1.19
CA GLN B 51 -7.38 6.69 -1.72
C GLN B 51 -6.51 5.46 -1.90
N ALA B 52 -5.25 5.65 -2.29
CA ALA B 52 -4.33 4.52 -2.41
C ALA B 52 -4.04 3.91 -1.04
N GLU B 53 -3.88 4.75 -0.02
CA GLU B 53 -3.62 4.24 1.32
C GLU B 53 -4.84 3.51 1.90
N GLU B 54 -6.04 4.04 1.65
CA GLU B 54 -7.25 3.41 2.14
C GLU B 54 -7.45 2.03 1.53
N ARG B 55 -7.37 1.93 0.20
CA ARG B 55 -7.49 0.64 -0.47
C ARG B 55 -6.43 -0.33 0.00
N TYR B 56 -5.19 0.14 0.11
CA TYR B 56 -4.10 -0.72 0.57
C TYR B 56 -4.31 -1.16 2.01
N GLY B 57 -4.69 -0.22 2.89
CA GLY B 57 -4.91 -0.57 4.28
C GLY B 57 -6.05 -1.57 4.47
N LYS B 58 -7.15 -1.38 3.75
CA LYS B 58 -8.27 -2.30 3.86
C LYS B 58 -7.91 -3.68 3.32
N GLU B 59 -7.09 -3.72 2.25
CA GLU B 59 -6.69 -4.99 1.68
C GLU B 59 -5.81 -5.78 2.64
N LEU B 60 -4.89 -5.10 3.32
CA LEU B 60 -4.05 -5.76 4.32
C LEU B 60 -4.90 -6.35 5.45
N VAL B 61 -5.91 -5.60 5.90
CA VAL B 61 -6.78 -6.09 6.97
C VAL B 61 -7.53 -7.33 6.53
N GLN B 62 -8.04 -7.33 5.29
CA GLN B 62 -8.82 -8.47 4.81
C GLN B 62 -7.97 -9.72 4.71
N ILE B 63 -6.71 -9.58 4.29
CA ILE B 63 -5.83 -10.74 4.19
C ILE B 63 -5.55 -11.31 5.58
N ALA B 64 -5.39 -10.44 6.57
CA ALA B 64 -5.09 -10.90 7.93
C ALA B 64 -6.27 -11.65 8.53
N ARG B 65 -7.48 -11.10 8.39
CA ARG B 65 -8.66 -11.72 9.00
C ARG B 65 -8.95 -13.09 8.39
N LYS B 66 -8.91 -13.18 7.06
CA LYS B 66 -9.29 -14.39 6.36
C LYS B 66 -8.17 -15.42 6.23
N ALA B 67 -6.95 -15.08 6.65
CA ALA B 67 -5.86 -16.03 6.59
C ALA B 67 -6.08 -17.19 7.56
N GLY B 68 -5.53 -18.35 7.22
CA GLY B 68 -5.74 -19.55 8.01
C GLY B 68 -4.72 -19.79 9.10
N GLY B 69 -4.14 -20.98 9.12
CA GLY B 69 -3.18 -21.36 10.14
C GLY B 69 -3.74 -22.09 11.33
N GLN B 70 -5.01 -22.51 11.27
CA GLN B 70 -5.64 -23.16 12.43
C GLN B 70 -5.06 -24.54 12.71
N THR B 71 -4.46 -25.20 11.72
CA THR B 71 -3.92 -26.54 11.92
C THR B 71 -2.57 -26.56 12.64
N GLU B 72 -1.94 -25.40 12.81
CA GLU B 72 -0.64 -25.34 13.46
C GLU B 72 -0.81 -25.17 14.97
N ILE B 73 0.23 -25.54 15.72
CA ILE B 73 0.22 -25.51 17.17
C ILE B 73 1.53 -24.95 17.71
N ASN B 74 1.49 -24.54 18.97
CA ASN B 74 2.68 -24.15 19.77
C ASN B 74 3.33 -22.92 19.13
N SER B 75 4.66 -22.88 19.00
CA SER B 75 5.35 -21.65 18.67
C SER B 75 5.04 -21.19 17.24
N LEU B 76 5.09 -22.12 16.28
CA LEU B 76 4.83 -21.74 14.89
C LEU B 76 3.43 -21.18 14.72
N ARG B 77 2.46 -21.70 15.47
CA ARG B 77 1.11 -21.13 15.44
C ARG B 77 1.10 -19.72 16.01
N ALA B 78 1.78 -19.49 17.13
CA ALA B 78 1.83 -18.16 17.73
C ALA B 78 2.54 -17.18 16.81
N SER B 79 3.62 -17.62 16.15
CA SER B 79 4.31 -16.75 15.22
C SER B 79 3.45 -16.39 14.02
N PHE B 80 2.68 -17.36 13.51
CA PHE B 80 1.79 -17.07 12.37
C PHE B 80 0.64 -16.18 12.80
N ASP B 81 0.07 -16.43 13.99
CA ASP B 81 -0.97 -15.55 14.50
C ASP B 81 -0.43 -14.16 14.79
N SER B 82 0.86 -14.07 15.16
CA SER B 82 1.47 -12.76 15.36
C SER B 82 1.60 -12.00 14.05
N LEU B 83 1.93 -12.70 12.96
CA LEU B 83 2.02 -12.05 11.66
C LEU B 83 0.66 -11.54 11.19
N LYS B 84 -0.40 -12.35 11.39
CA LYS B 84 -1.74 -11.89 11.06
C LYS B 84 -2.14 -10.68 11.89
N GLN B 85 -1.83 -10.71 13.19
CA GLN B 85 -2.20 -9.61 14.07
C GLN B 85 -1.48 -8.32 13.66
N GLN B 86 -0.20 -8.41 13.30
CA GLN B 86 0.54 -7.23 12.92
C GLN B 86 0.15 -6.73 11.53
N MET B 87 -0.28 -7.64 10.65
CA MET B 87 -0.78 -7.21 9.34
C MET B 87 -2.03 -6.34 9.48
N GLU B 88 -2.94 -6.73 10.37
CA GLU B 88 -4.13 -5.91 10.61
C GLU B 88 -3.75 -4.57 11.22
N ASN B 89 -2.75 -4.56 12.10
CA ASN B 89 -2.29 -3.31 12.68
C ASN B 89 -1.72 -2.38 11.61
N VAL B 90 -0.94 -2.92 10.68
CA VAL B 90 -0.41 -2.11 9.59
C VAL B 90 -1.53 -1.62 8.69
N GLY B 91 -2.47 -2.49 8.35
CA GLY B 91 -3.59 -2.08 7.50
C GLY B 91 -4.43 -0.99 8.14
N SER B 92 -4.70 -1.12 9.44
CA SER B 92 -5.46 -0.09 10.13
C SER B 92 -4.66 1.20 10.25
N SER B 93 -3.34 1.09 10.42
CA SER B 93 -2.50 2.28 10.49
C SER B 93 -2.48 3.03 9.16
N HIS B 94 -2.52 2.29 8.05
CA HIS B 94 -2.57 2.95 6.75
C HIS B 94 -3.93 3.56 6.48
N ILE B 95 -5.00 2.96 7.03
CA ILE B 95 -6.30 3.59 6.96
C ILE B 95 -6.30 4.88 7.77
N GLN B 96 -5.63 4.87 8.93
CA GLN B 96 -5.49 6.09 9.70
C GLN B 96 -4.65 7.13 8.97
N LEU B 97 -3.67 6.67 8.19
CA LEU B 97 -2.87 7.61 7.39
C LEU B 97 -3.72 8.29 6.32
N ALA B 98 -4.68 7.57 5.74
CA ALA B 98 -5.55 8.16 4.74
C ALA B 98 -6.38 9.30 5.33
N LEU B 99 -6.88 9.14 6.55
CA LEU B 99 -7.59 10.23 7.20
C LEU B 99 -6.67 11.40 7.51
N THR B 100 -5.41 11.12 7.83
CA THR B 100 -4.45 12.18 8.10
C THR B 100 -4.16 12.98 6.83
N LEU B 101 -3.97 12.30 5.70
CA LEU B 101 -3.71 13.01 4.45
C LEU B 101 -4.92 13.82 4.01
N ARG B 102 -6.13 13.29 4.24
CA ARG B 102 -7.34 14.01 3.87
C ARG B 102 -7.54 15.25 4.72
N GLU B 103 -7.04 15.24 5.96
CA GLU B 103 -7.09 16.44 6.79
C GLU B 103 -6.11 17.49 6.28
N GLU B 104 -4.92 17.07 5.85
CA GLU B 104 -3.99 17.99 5.21
C GLU B 104 -4.57 18.53 3.91
N LEU B 105 -5.30 17.69 3.19
CA LEU B 105 -5.99 18.14 1.98
C LEU B 105 -7.01 19.23 2.31
N ARG B 106 -7.78 19.03 3.38
CA ARG B 106 -8.78 20.04 3.76
C ARG B 106 -8.14 21.33 4.24
N SER B 107 -6.94 21.26 4.82
CA SER B 107 -6.27 22.48 5.27
C SER B 107 -5.83 23.34 4.09
N LEU B 108 -5.24 22.72 3.06
CA LEU B 108 -4.89 23.46 1.86
C LEU B 108 -6.13 23.87 1.07
N GLU B 109 -7.19 23.07 1.13
CA GLU B 109 -8.40 23.36 0.37
C GLU B 109 -9.05 24.66 0.83
N GLU B 110 -9.12 24.88 2.14
CA GLU B 110 -9.70 26.12 2.64
C GLU B 110 -8.72 27.29 2.54
N PHE B 111 -7.41 27.01 2.56
CA PHE B 111 -6.44 28.06 2.32
C PHE B 111 -6.54 28.57 0.88
N ARG B 112 -6.77 27.67 -0.07
CA ARG B 112 -6.89 28.08 -1.47
C ARG B 112 -8.10 28.99 -1.69
N GLU B 113 -9.22 28.66 -1.05
CA GLU B 113 -10.42 29.47 -1.21
C GLU B 113 -10.32 30.78 -0.42
N ARG B 114 -9.57 30.77 0.68
CA ARG B 114 -9.39 32.00 1.45
C ARG B 114 -8.56 33.03 0.68
N GLN B 115 -7.60 32.57 -0.14
CA GLN B 115 -6.84 33.48 -0.96
C GLN B 115 -7.63 33.97 -2.16
N LYS B 116 -8.54 33.15 -2.67
CA LYS B 116 -9.38 33.57 -3.79
C LYS B 116 -10.32 34.70 -3.37
N GLU B 117 -10.85 34.63 -2.15
CA GLU B 117 -11.75 35.68 -1.66
C GLU B 117 -11.04 37.02 -1.58
N GLN B 118 -9.82 37.04 -1.03
CA GLN B 118 -9.09 38.29 -0.93
C GLN B 118 -8.56 38.75 -2.28
N ARG B 119 -8.23 37.81 -3.17
CA ARG B 119 -7.76 38.18 -4.50
C ARG B 119 -8.85 38.86 -5.32
N LYS B 120 -10.09 38.34 -5.26
CA LYS B 120 -11.17 38.94 -6.01
C LYS B 120 -11.45 40.37 -5.58
N LYS B 121 -11.20 40.69 -4.31
CA LYS B 121 -11.39 42.07 -3.85
C LYS B 121 -10.38 43.01 -4.48
N TYR B 122 -9.12 42.58 -4.58
CA TYR B 122 -8.13 43.42 -5.25
C TYR B 122 -8.37 43.49 -6.75
N GLU B 123 -8.94 42.43 -7.33
CA GLU B 123 -9.24 42.46 -8.76
C GLU B 123 -10.33 43.48 -9.07
N ALA B 124 -11.34 43.58 -8.21
CA ALA B 124 -12.43 44.53 -8.45
C ALA B 124 -11.94 45.98 -8.32
N VAL B 125 -11.03 46.22 -7.37
CA VAL B 125 -10.51 47.57 -7.19
C VAL B 125 -9.63 47.97 -8.36
N MET B 126 -8.70 47.10 -8.75
CA MET B 126 -7.78 47.42 -9.83
C MET B 126 -8.51 47.55 -11.16
N ASP B 127 -9.47 46.65 -11.43
CA ASP B 127 -10.20 46.72 -12.69
C ASP B 127 -10.98 48.03 -12.79
N ARG B 128 -11.54 48.50 -11.67
CA ARG B 128 -12.30 49.75 -11.68
C ARG B 128 -11.40 50.94 -11.93
N VAL B 129 -10.27 51.03 -11.20
CA VAL B 129 -9.43 52.21 -11.32
C VAL B 129 -8.66 52.19 -12.64
N GLN B 130 -8.32 51.01 -13.16
CA GLN B 130 -7.66 50.96 -14.45
C GLN B 130 -8.63 51.32 -15.58
N LYS B 131 -9.88 50.88 -15.47
CA LYS B 131 -10.89 51.24 -16.46
C LYS B 131 -11.12 52.74 -16.46
N SER B 132 -11.16 53.37 -15.28
CA SER B 132 -11.35 54.81 -15.20
C SER B 132 -10.12 55.56 -15.71
N LYS B 133 -8.92 55.03 -15.43
CA LYS B 133 -7.69 55.68 -15.89
C LYS B 133 -7.65 55.72 -17.41
N LEU B 134 -7.97 54.60 -18.06
CA LEU B 134 -7.98 54.58 -19.52
C LEU B 134 -9.12 55.40 -20.09
N SER B 135 -10.24 55.50 -19.37
CA SER B 135 -11.38 56.28 -19.84
C SER B 135 -11.05 57.77 -19.88
N LEU B 136 -10.55 58.31 -18.78
CA LEU B 136 -10.23 59.73 -18.72
C LEU B 136 -9.05 60.08 -19.61
N TYR B 137 -8.11 59.14 -19.80
CA TYR B 137 -7.01 59.39 -20.72
C TYR B 137 -7.51 59.54 -22.15
N LYS B 138 -8.50 58.73 -22.53
CA LYS B 138 -9.10 58.89 -23.85
C LYS B 138 -9.82 60.23 -23.99
N LYS B 139 -10.51 60.66 -22.94
CA LYS B 139 -11.20 61.95 -22.98
C LYS B 139 -10.20 63.10 -23.06
N ALA B 140 -9.08 62.99 -22.35
CA ALA B 140 -8.07 64.05 -22.37
C ALA B 140 -7.47 64.19 -23.77
N MET B 141 -7.26 63.08 -24.47
CA MET B 141 -6.71 63.14 -25.82
C MET B 141 -7.72 63.72 -26.80
N GLU B 142 -9.00 63.39 -26.63
CA GLU B 142 -10.04 64.00 -27.46
C GLU B 142 -10.14 65.50 -27.20
N SER B 143 -9.99 65.91 -25.94
CA SER B 143 -9.96 67.34 -25.64
C SER B 143 -8.70 68.00 -26.18
N LYS B 144 -7.58 67.28 -26.16
CA LYS B 144 -6.34 67.84 -26.69
C LYS B 144 -6.44 68.07 -28.20
N LYS B 145 -7.06 67.13 -28.92
CA LYS B 145 -7.22 67.30 -30.37
C LYS B 145 -8.12 68.49 -30.67
N THR B 146 -9.23 68.63 -29.95
CA THR B 146 -10.13 69.76 -30.18
C THR B 146 -9.46 71.07 -29.80
N TYR B 147 -8.73 71.10 -28.69
CA TYR B 147 -8.04 72.32 -28.28
C TYR B 147 -7.03 72.76 -29.32
N GLU B 148 -6.26 71.83 -29.88
CA GLU B 148 -5.27 72.19 -30.88
C GLU B 148 -5.93 72.59 -32.20
N GLN B 149 -7.08 72.01 -32.53
CA GLN B 149 -7.81 72.43 -33.72
C GLN B 149 -8.41 73.81 -33.54
N LYS B 150 -8.93 74.11 -32.34
CA LYS B 150 -9.47 75.45 -32.08
C LYS B 150 -8.38 76.51 -32.09
N CYS B 151 -7.16 76.16 -31.69
CA CYS B 151 -6.07 77.13 -31.76
C CYS B 151 -5.70 77.42 -33.21
N ARG B 152 -5.72 76.41 -34.07
CA ARG B 152 -5.47 76.64 -35.49
C ARG B 152 -6.58 77.48 -36.12
N ASP B 153 -7.84 77.21 -35.73
CA ASP B 153 -8.95 78.02 -36.23
C ASP B 153 -8.83 79.46 -35.77
N ALA B 154 -8.43 79.68 -34.51
CA ALA B 154 -8.29 81.05 -34.00
C ALA B 154 -7.15 81.79 -34.69
N ASP B 155 -6.07 81.09 -35.03
CA ASP B 155 -4.95 81.73 -35.72
C ASP B 155 -5.29 82.06 -37.16
N ASP B 156 -5.98 81.14 -37.85
CA ASP B 156 -6.37 81.38 -39.23
C ASP B 156 -7.46 82.43 -39.34
N ALA B 157 -8.31 82.55 -38.31
CA ALA B 157 -9.35 83.57 -38.33
C ALA B 157 -8.77 84.96 -38.13
N GLU B 158 -7.73 85.08 -37.28
CA GLU B 158 -7.11 86.37 -37.06
C GLU B 158 -6.25 86.78 -38.26
N GLN B 159 -5.57 85.80 -38.88
CA GLN B 159 -4.80 86.12 -40.08
C GLN B 159 -5.70 86.58 -41.22
N ALA B 160 -6.92 86.04 -41.31
CA ALA B 160 -7.87 86.50 -42.32
C ALA B 160 -8.32 87.92 -42.03
N PHE B 161 -8.49 88.26 -40.75
CA PHE B 161 -8.88 89.63 -40.40
C PHE B 161 -7.78 90.63 -40.73
N GLU B 162 -6.52 90.29 -40.39
CA GLU B 162 -5.43 91.20 -40.68
C GLU B 162 -5.21 91.39 -42.17
N ARG B 163 -5.54 90.38 -42.97
CA ARG B 163 -5.41 90.49 -44.42
C ARG B 163 -6.36 91.55 -44.97
N ILE B 164 -7.64 91.49 -44.59
CA ILE B 164 -8.63 92.40 -45.15
C ILE B 164 -8.74 93.72 -44.39
N SER B 165 -8.10 93.84 -43.23
CA SER B 165 -8.15 95.09 -42.48
C SER B 165 -7.38 96.20 -43.18
N ALA B 166 -6.51 95.87 -44.12
CA ALA B 166 -5.69 96.86 -44.82
C ALA B 166 -6.54 97.79 -45.68
N ASN B 167 -7.16 97.26 -46.74
CA ASN B 167 -7.92 98.08 -47.67
C ASN B 167 -9.32 97.54 -47.93
N GLY B 168 -9.81 96.60 -47.12
CA GLY B 168 -11.13 96.04 -47.34
C GLY B 168 -12.24 96.98 -46.91
N HIS B 169 -13.46 96.60 -47.27
CA HIS B 169 -14.63 97.39 -46.92
C HIS B 169 -14.87 97.34 -45.42
N GLN B 170 -15.47 98.43 -44.89
CA GLN B 170 -15.73 98.51 -43.46
C GLN B 170 -16.66 97.38 -43.01
N LYS B 171 -17.68 97.07 -43.81
CA LYS B 171 -18.59 95.99 -43.45
C LYS B 171 -17.88 94.64 -43.52
N GLN B 172 -17.00 94.45 -44.51
CA GLN B 172 -16.27 93.19 -44.63
C GLN B 172 -15.23 93.06 -43.52
N VAL B 173 -14.57 94.17 -43.17
CA VAL B 173 -13.54 94.12 -42.13
C VAL B 173 -14.17 93.80 -40.77
N GLU B 174 -15.33 94.39 -40.48
CA GLU B 174 -16.02 94.10 -39.23
C GLU B 174 -16.48 92.66 -39.15
N LYS B 175 -16.78 92.03 -40.30
CA LYS B 175 -17.25 90.65 -40.30
C LYS B 175 -16.15 89.70 -39.84
N SER B 176 -14.93 89.87 -40.35
CA SER B 176 -13.85 88.98 -39.95
C SER B 176 -13.36 89.26 -38.54
N GLN B 177 -13.50 90.51 -38.07
CA GLN B 177 -13.08 90.83 -36.71
C GLN B 177 -13.99 90.16 -35.68
N ASN B 178 -15.30 90.21 -35.90
CA ASN B 178 -16.22 89.52 -34.99
C ASN B 178 -16.10 88.01 -35.11
N LYS B 179 -15.78 87.50 -36.30
CA LYS B 179 -15.58 86.07 -36.47
C LYS B 179 -14.30 85.61 -35.76
N ALA B 180 -13.22 86.40 -35.87
CA ALA B 180 -11.99 86.04 -35.18
C ALA B 180 -12.14 86.10 -33.68
N ARG B 181 -12.96 87.03 -33.17
CA ARG B 181 -13.20 87.09 -31.73
C ARG B 181 -13.99 85.87 -31.26
N GLN B 182 -14.97 85.42 -32.05
CA GLN B 182 -15.73 84.24 -31.69
C GLN B 182 -14.87 82.98 -31.74
N CYS B 183 -13.98 82.90 -32.75
CA CYS B 183 -13.09 81.74 -32.86
C CYS B 183 -12.05 81.73 -31.75
N LYS B 184 -11.55 82.89 -31.36
CA LYS B 184 -10.54 82.97 -30.30
C LYS B 184 -11.14 82.61 -28.94
N ASP B 185 -12.40 82.96 -28.71
CA ASP B 185 -13.07 82.54 -27.48
C ASP B 185 -13.22 81.03 -27.43
N SER B 186 -13.55 80.41 -28.57
CA SER B 186 -13.69 78.97 -28.62
C SER B 186 -12.37 78.27 -28.32
N ALA B 187 -11.25 78.90 -28.68
CA ALA B 187 -9.95 78.34 -28.32
C ALA B 187 -9.73 78.41 -26.82
N THR B 188 -10.20 79.49 -26.18
CA THR B 188 -10.08 79.61 -24.73
C THR B 188 -10.96 78.59 -24.03
N GLU B 189 -12.20 78.41 -24.51
CA GLU B 189 -13.08 77.42 -23.91
C GLU B 189 -12.56 76.00 -24.13
N ALA B 190 -12.02 75.72 -25.32
CA ALA B 190 -11.44 74.41 -25.55
C ALA B 190 -10.19 74.19 -24.69
N GLU B 191 -9.48 75.27 -24.36
CA GLU B 191 -8.33 75.14 -23.47
C GLU B 191 -8.76 74.81 -22.04
N ARG B 192 -9.85 75.43 -21.58
CA ARG B 192 -10.34 75.15 -20.22
C ARG B 192 -10.84 73.72 -20.11
N VAL B 193 -11.55 73.23 -21.13
CA VAL B 193 -12.00 71.84 -21.12
C VAL B 193 -10.81 70.89 -21.19
N TYR B 194 -9.79 71.25 -21.98
CA TYR B 194 -8.59 70.42 -22.06
C TYR B 194 -7.81 70.47 -20.75
N ARG B 195 -7.74 71.64 -20.11
CA ARG B 195 -7.09 71.74 -18.80
C ARG B 195 -7.85 70.93 -17.76
N GLN B 196 -9.19 70.92 -17.84
CA GLN B 196 -9.98 70.16 -16.89
C GLN B 196 -9.82 68.66 -17.11
N SER B 197 -9.76 68.23 -18.37
CA SER B 197 -9.56 66.81 -18.66
C SER B 197 -8.21 66.32 -18.13
N ILE B 198 -7.17 67.16 -18.26
CA ILE B 198 -5.86 66.80 -17.73
C ILE B 198 -5.90 66.75 -16.21
N ALA B 199 -6.69 67.64 -15.58
CA ALA B 199 -6.79 67.64 -14.13
C ALA B 199 -7.49 66.38 -13.63
N GLN B 200 -8.60 66.00 -14.28
CA GLN B 200 -9.32 64.80 -13.89
C GLN B 200 -8.48 63.54 -14.10
N LEU B 201 -7.71 63.51 -15.19
CA LEU B 201 -6.87 62.35 -15.46
C LEU B 201 -5.74 62.23 -14.43
N GLU B 202 -5.20 63.36 -13.98
CA GLU B 202 -4.10 63.32 -13.03
C GLU B 202 -4.55 62.77 -11.69
N LYS B 203 -5.75 63.14 -11.24
CA LYS B 203 -6.25 62.65 -9.96
C LYS B 203 -6.45 61.13 -10.00
N VAL B 204 -6.98 60.60 -11.10
CA VAL B 204 -7.20 59.17 -11.21
C VAL B 204 -5.87 58.43 -11.36
N ARG B 205 -4.91 59.05 -12.05
CA ARG B 205 -3.60 58.42 -12.22
C ARG B 205 -2.91 58.23 -10.87
N ALA B 206 -2.95 59.25 -10.02
CA ALA B 206 -2.38 59.11 -8.68
C ALA B 206 -3.11 58.06 -7.85
N GLU B 207 -4.42 57.93 -8.05
CA GLU B 207 -5.17 56.87 -7.38
C GLU B 207 -4.76 55.50 -7.90
N TRP B 208 -4.56 55.37 -9.21
CA TRP B 208 -4.15 54.09 -9.78
C TRP B 208 -2.76 53.69 -9.30
N GLU B 209 -1.83 54.64 -9.28
CA GLU B 209 -0.47 54.33 -8.85
C GLU B 209 -0.44 53.90 -7.39
N GLN B 210 -1.28 54.51 -6.55
CA GLN B 210 -1.36 54.10 -5.16
C GLN B 210 -2.01 52.73 -5.03
N GLU B 211 -3.02 52.45 -5.84
CA GLU B 211 -3.67 51.14 -5.82
C GLU B 211 -2.71 50.06 -6.32
N HIS B 212 -2.01 50.32 -7.43
CA HIS B 212 -1.09 49.34 -7.97
C HIS B 212 0.00 48.98 -6.97
N ARG B 213 0.57 49.98 -6.29
CA ARG B 213 1.58 49.71 -5.28
C ARG B 213 0.98 48.92 -4.11
N THR B 214 -0.27 49.21 -3.77
CA THR B 214 -0.93 48.47 -2.70
C THR B 214 -1.21 47.04 -3.11
N THR B 215 -1.71 46.84 -4.33
CA THR B 215 -2.01 45.50 -4.81
C THR B 215 -0.75 44.66 -4.96
N CYS B 216 0.36 45.27 -5.37
CA CYS B 216 1.61 44.54 -5.50
C CYS B 216 2.11 44.01 -4.17
N GLU B 217 2.04 44.85 -3.12
CA GLU B 217 2.45 44.41 -1.80
C GLU B 217 1.54 43.30 -1.29
N ALA B 218 0.25 43.36 -1.60
CA ALA B 218 -0.68 42.32 -1.18
C ALA B 218 -0.45 41.03 -1.96
N PHE B 219 -0.26 41.13 -3.28
CA PHE B 219 -0.03 39.93 -4.08
C PHE B 219 1.28 39.25 -3.70
N GLN B 220 2.29 40.03 -3.32
CA GLN B 220 3.54 39.43 -2.86
C GLN B 220 3.34 38.68 -1.54
N LEU B 221 2.51 39.24 -0.66
CA LEU B 221 2.21 38.55 0.59
C LEU B 221 1.44 37.27 0.35
N GLN B 222 0.53 37.27 -0.63
CA GLN B 222 -0.21 36.05 -0.96
C GLN B 222 0.71 34.98 -1.52
N GLU B 223 1.71 35.37 -2.30
CA GLU B 223 2.66 34.40 -2.84
C GLU B 223 3.62 33.91 -1.77
N PHE B 224 4.05 34.81 -0.88
CA PHE B 224 4.91 34.37 0.23
C PHE B 224 4.18 33.39 1.13
N ASP B 225 2.90 33.64 1.39
CA ASP B 225 2.11 32.72 2.20
C ASP B 225 1.89 31.39 1.49
N ARG B 226 1.59 31.44 0.19
CA ARG B 226 1.33 30.20 -0.56
C ARG B 226 2.60 29.37 -0.68
N LEU B 227 3.73 29.99 -1.01
CA LEU B 227 4.98 29.24 -1.11
C LEU B 227 5.37 28.64 0.23
N THR B 228 5.10 29.35 1.32
CA THR B 228 5.44 28.84 2.65
C THR B 228 4.58 27.64 3.02
N ILE B 229 3.26 27.74 2.80
CA ILE B 229 2.37 26.65 3.21
C ILE B 229 2.52 25.45 2.28
N LEU B 230 2.85 25.67 1.01
CA LEU B 230 3.05 24.54 0.10
C LEU B 230 4.37 23.83 0.39
N ARG B 231 5.43 24.60 0.67
CA ARG B 231 6.68 23.98 1.11
C ARG B 231 6.48 23.23 2.41
N ASN B 232 5.70 23.81 3.34
CA ASN B 232 5.40 23.13 4.59
C ASN B 232 4.59 21.86 4.36
N ALA B 233 3.65 21.91 3.41
CA ALA B 233 2.84 20.73 3.12
C ALA B 233 3.70 19.58 2.61
N LEU B 234 4.69 19.88 1.77
CA LEU B 234 5.58 18.83 1.28
C LEU B 234 6.45 18.28 2.40
N TRP B 235 6.92 19.15 3.31
CA TRP B 235 7.74 18.69 4.42
C TRP B 235 6.93 17.82 5.38
N VAL B 236 5.69 18.22 5.68
CA VAL B 236 4.85 17.43 6.56
C VAL B 236 4.45 16.12 5.88
N HIS B 237 4.13 16.18 4.59
CA HIS B 237 3.73 14.98 3.88
C HIS B 237 4.88 13.97 3.82
N SER B 238 6.10 14.44 3.63
CA SER B 238 7.25 13.55 3.62
C SER B 238 7.50 12.94 5.00
N ASN B 239 7.28 13.71 6.05
CA ASN B 239 7.47 13.19 7.40
C ASN B 239 6.39 12.18 7.76
N GLN B 240 5.14 12.45 7.37
CA GLN B 240 4.06 11.52 7.68
C GLN B 240 4.24 10.19 6.95
N LEU B 241 4.77 10.23 5.72
CA LEU B 241 5.07 8.99 5.02
C LEU B 241 6.28 8.28 5.63
N SER B 242 7.29 9.05 6.03
CA SER B 242 8.44 8.45 6.71
C SER B 242 8.06 7.94 8.10
N MET B 243 7.14 8.63 8.79
CA MET B 243 6.66 8.15 10.07
C MET B 243 5.90 6.84 9.92
N GLN B 244 5.20 6.65 8.79
CA GLN B 244 4.50 5.40 8.55
C GLN B 244 5.48 4.23 8.38
N CYS B 245 6.65 4.50 7.80
CA CYS B 245 7.66 3.44 7.68
C CYS B 245 8.19 3.03 9.05
N VAL B 246 8.31 3.98 9.97
CA VAL B 246 8.79 3.65 11.31
C VAL B 246 7.72 2.89 12.09
N LYS B 247 6.46 3.29 11.94
CA LYS B 247 5.38 2.58 12.61
C LYS B 247 5.31 1.13 12.13
N ASP B 248 5.34 0.93 10.81
CA ASP B 248 5.25 -0.43 10.27
C ASP B 248 6.45 -1.27 10.66
N ASP B 249 7.64 -0.69 10.66
CA ASP B 249 8.84 -1.43 11.04
C ASP B 249 8.77 -1.88 12.50
N GLU B 250 8.18 -1.06 13.36
CA GLU B 250 8.00 -1.46 14.75
C GLU B 250 6.93 -2.54 14.88
N LEU B 251 5.89 -2.49 14.05
CA LEU B 251 4.87 -3.53 14.08
C LEU B 251 5.41 -4.85 13.56
N TYR B 252 6.21 -4.81 12.49
CA TYR B 252 6.87 -6.01 12.00
C TYR B 252 7.91 -6.53 12.99
N GLU B 253 8.42 -5.67 13.86
CA GLU B 253 9.35 -6.12 14.89
C GLU B 253 8.67 -7.08 15.87
N GLU B 254 7.37 -6.88 16.10
CA GLU B 254 6.64 -7.80 16.98
C GLU B 254 6.58 -9.21 16.40
N VAL B 255 6.59 -9.33 15.07
CA VAL B 255 6.62 -10.65 14.45
C VAL B 255 7.97 -11.32 14.71
N ARG B 256 9.06 -10.55 14.62
CA ARG B 256 10.38 -11.11 14.89
C ARG B 256 10.56 -11.44 16.36
N LEU B 257 9.95 -10.67 17.26
CA LEU B 257 10.04 -10.97 18.69
C LEU B 257 9.36 -12.29 19.01
N THR B 258 8.22 -12.58 18.37
CA THR B 258 7.55 -13.86 18.59
C THR B 258 8.37 -15.00 18.02
N LEU B 259 9.05 -14.78 16.90
CA LEU B 259 9.87 -15.82 16.29
C LEU B 259 11.11 -16.14 17.13
N GLU B 260 11.54 -15.22 17.97
CA GLU B 260 12.70 -15.47 18.83
C GLU B 260 12.41 -16.57 19.85
N GLY B 261 11.15 -16.72 20.26
CA GLY B 261 10.78 -17.77 21.18
C GLY B 261 10.23 -19.00 20.48
N CYS B 262 10.57 -19.16 19.20
CA CYS B 262 10.12 -20.30 18.40
C CYS B 262 11.26 -21.30 18.28
N SER B 263 11.22 -22.32 19.13
CA SER B 263 12.23 -23.38 19.14
C SER B 263 11.68 -24.59 18.41
N ILE B 264 12.43 -25.09 17.42
CA ILE B 264 12.00 -26.25 16.66
C ILE B 264 11.92 -27.48 17.55
N ASP B 265 12.93 -27.67 18.40
CA ASP B 265 12.94 -28.83 19.29
C ASP B 265 11.83 -28.76 20.33
N ALA B 266 11.50 -27.55 20.79
CA ALA B 266 10.45 -27.43 21.79
C ALA B 266 9.07 -27.77 21.22
N ASP B 267 8.83 -27.39 19.96
CA ASP B 267 7.56 -27.72 19.33
C ASP B 267 7.42 -29.21 19.08
N ILE B 268 8.53 -29.87 18.73
CA ILE B 268 8.49 -31.32 18.53
C ILE B 268 8.20 -32.03 19.85
N ASP B 269 8.84 -31.59 20.94
CA ASP B 269 8.59 -32.18 22.25
C ASP B 269 7.16 -31.93 22.71
N SER B 270 6.61 -30.75 22.40
CA SER B 270 5.26 -30.42 22.83
C SER B 270 4.22 -31.28 22.10
N PHE B 271 4.45 -31.55 20.82
CA PHE B 271 3.53 -32.41 20.08
C PHE B 271 3.60 -33.85 20.59
N ILE B 272 4.81 -34.32 20.91
CA ILE B 272 4.96 -35.70 21.39
C ILE B 272 4.23 -35.89 22.71
N GLN B 273 4.47 -34.98 23.66
CA GLN B 273 3.85 -35.10 24.98
C GLN B 273 2.32 -35.00 24.90
N ALA B 274 1.80 -34.24 23.94
CA ALA B 274 0.36 -34.03 23.86
C ALA B 274 -0.34 -35.15 23.10
N LYS B 275 0.30 -35.74 22.10
CA LYS B 275 -0.34 -36.71 21.22
C LYS B 275 0.26 -38.10 21.31
N SER B 276 1.07 -38.38 22.33
CA SER B 276 1.68 -39.70 22.45
C SER B 276 0.62 -40.77 22.68
N THR B 277 0.81 -41.93 22.04
CA THR B 277 -0.10 -43.06 22.16
C THR B 277 0.46 -44.19 23.00
N GLY B 278 1.76 -44.46 22.91
CA GLY B 278 2.36 -45.51 23.69
C GLY B 278 3.87 -45.56 23.55
N THR B 279 4.56 -45.97 24.61
CA THR B 279 6.02 -46.08 24.61
C THR B 279 6.51 -47.51 24.43
N GLU B 280 5.61 -48.49 24.39
CA GLU B 280 5.97 -49.88 24.26
C GLU B 280 5.30 -50.49 23.05
N PRO B 281 6.04 -51.17 22.18
CA PRO B 281 5.41 -51.84 21.03
C PRO B 281 4.58 -53.03 21.50
N PRO B 282 3.61 -53.47 20.69
CA PRO B 282 2.74 -54.57 21.14
C PRO B 282 3.51 -55.86 21.31
N ALA B 283 3.13 -56.62 22.35
CA ALA B 283 3.78 -57.89 22.62
C ALA B 283 3.42 -58.90 21.52
N PRO B 284 4.35 -59.79 21.19
CA PRO B 284 4.08 -60.78 20.14
C PRO B 284 2.99 -61.76 20.55
N VAL B 285 2.30 -62.28 19.54
CA VAL B 285 1.22 -63.24 19.78
C VAL B 285 1.80 -64.64 19.88
N PRO B 286 1.75 -65.27 21.04
CA PRO B 286 2.38 -66.58 21.22
C PRO B 286 1.40 -67.73 21.01
N TYR B 287 1.98 -68.91 20.80
CA TYR B 287 1.18 -70.12 20.73
C TYR B 287 0.62 -70.45 22.11
N GLN B 288 -0.68 -70.71 22.18
CA GLN B 288 -1.35 -71.01 23.44
C GLN B 288 -1.90 -72.44 23.36
N ASN B 289 -1.35 -73.34 24.17
CA ASN B 289 -1.85 -74.70 24.21
C ASN B 289 -3.19 -74.73 24.94
N TYR B 290 -4.16 -75.46 24.38
CA TYR B 290 -5.49 -75.51 24.96
C TYR B 290 -5.54 -76.29 26.26
N TYR B 291 -4.60 -77.22 26.50
CA TYR B 291 -4.63 -78.05 27.69
C TYR B 291 -3.65 -77.61 28.77
N ASP B 292 -2.69 -76.75 28.45
CA ASP B 292 -1.73 -76.28 29.45
C ASP B 292 -2.10 -74.89 29.95
#